data_6JK1
#
_entry.id   6JK1
#
_cell.length_a   77.376
_cell.length_b   77.376
_cell.length_c   116.763
_cell.angle_alpha   90.00
_cell.angle_beta   90.00
_cell.angle_gamma   90.00
#
_symmetry.space_group_name_H-M   'P 41 21 2'
#
loop_
_entity.id
_entity.type
_entity.pdbx_description
1 polymer 'Dendrin,Transcriptional coactivator YAP1'
2 water water
#
_entity_poly.entity_id   1
_entity_poly.type   'polypeptide(L)'
_entity_poly.pdbx_seq_one_letter_code
;GPGSDRPPPYVAPPSYEGPHRTLGVPLPAGWEMAKTSSGQRYFLNHNDQTTTWQDPRKAMLSQLNVPAPASPAVPQTLMN
SASGPLPDGWEQAMTQDGEVYYINHKNKTTSWLDPR
;
_entity_poly.pdbx_strand_id   A,B
#
# COMPACT_ATOMS: atom_id res chain seq x y z
N GLY A 3 -21.84 12.50 12.68
CA GLY A 3 -20.41 12.71 12.67
C GLY A 3 -19.87 13.18 11.32
N SER A 4 -20.74 13.75 10.50
CA SER A 4 -20.32 14.20 9.17
C SER A 4 -19.43 15.45 9.23
N ASP A 5 -19.37 16.10 10.39
CA ASP A 5 -18.51 17.28 10.55
C ASP A 5 -17.03 16.89 10.68
N ARG A 6 -16.79 15.64 11.04
CA ARG A 6 -15.44 15.12 11.09
C ARG A 6 -15.25 14.14 9.95
N PRO A 7 -14.01 13.93 9.49
CA PRO A 7 -13.84 12.92 8.43
C PRO A 7 -14.12 11.52 8.96
N PRO A 8 -14.25 10.52 8.08
CA PRO A 8 -14.46 9.17 8.59
C PRO A 8 -13.29 8.78 9.49
N PRO A 9 -13.57 8.08 10.58
CA PRO A 9 -12.49 7.64 11.49
C PRO A 9 -11.47 6.77 10.75
N TYR A 10 -10.23 6.82 11.18
CA TYR A 10 -9.20 5.90 10.68
C TYR A 10 -9.58 4.47 11.00
N VAL A 11 -9.52 3.59 10.00
CA VAL A 11 -9.74 2.17 10.25
C VAL A 11 -8.39 1.50 10.50
N ALA A 12 -8.12 1.19 11.77
CA ALA A 12 -6.83 0.65 12.20
C ALA A 12 -6.75 -0.85 11.95
N PRO A 13 -5.52 -1.40 11.87
CA PRO A 13 -5.41 -2.87 11.89
C PRO A 13 -5.83 -3.41 13.26
N PRO A 14 -5.97 -4.75 13.39
CA PRO A 14 -6.27 -5.33 14.71
C PRO A 14 -5.33 -4.80 15.79
N SER A 15 -5.88 -4.55 16.97
CA SER A 15 -5.09 -4.05 18.10
C SER A 15 -3.95 -4.99 18.46
N TYR A 16 -2.89 -4.46 19.05
CA TYR A 16 -1.76 -5.29 19.43
C TYR A 16 -2.18 -6.43 20.37
N GLU A 17 -2.94 -6.10 21.41
CA GLU A 17 -3.40 -7.13 22.34
C GLU A 17 -4.54 -7.93 21.72
N GLY A 18 -4.39 -9.24 21.68
CA GLY A 18 -5.44 -10.06 21.09
C GLY A 18 -4.83 -11.01 20.06
N PRO A 19 -5.64 -11.93 19.53
CA PRO A 19 -5.08 -12.91 18.58
C PRO A 19 -4.74 -12.28 17.24
N HIS A 20 -3.70 -12.83 16.63
CA HIS A 20 -3.24 -12.44 15.30
C HIS A 20 -3.00 -13.68 14.46
N ARG A 21 -3.47 -13.64 13.22
CA ARG A 21 -3.18 -14.71 12.28
C ARG A 21 -1.86 -14.38 11.60
N THR A 22 -0.76 -14.81 12.21
CA THR A 22 0.54 -14.37 11.73
C THR A 22 0.96 -15.23 10.55
N LEU A 23 1.72 -14.64 9.64
CA LEU A 23 2.36 -15.41 8.60
C LEU A 23 3.75 -15.76 9.11
N GLY A 24 4.03 -17.05 9.24
CA GLY A 24 5.31 -17.50 9.77
C GLY A 24 6.46 -16.92 8.98
N VAL A 25 6.34 -17.02 7.66
CA VAL A 25 7.23 -16.32 6.75
C VAL A 25 6.44 -15.19 6.11
N PRO A 26 6.90 -13.94 6.27
CA PRO A 26 6.16 -12.82 5.69
C PRO A 26 6.22 -12.82 4.18
N LEU A 27 5.25 -12.21 3.52
CA LEU A 27 5.36 -11.99 2.09
C LEU A 27 6.49 -10.99 1.86
N PRO A 28 7.14 -11.05 0.70
CA PRO A 28 8.20 -10.08 0.43
C PRO A 28 7.62 -8.67 0.35
N ALA A 29 8.44 -7.67 0.67
CA ALA A 29 8.04 -6.28 0.59
C ALA A 29 7.42 -6.01 -0.79
N GLY A 30 6.30 -5.30 -0.80
CA GLY A 30 5.67 -4.89 -2.05
C GLY A 30 4.73 -5.92 -2.66
N TRP A 31 4.56 -7.05 -2.01
CA TRP A 31 3.68 -8.08 -2.50
C TRP A 31 2.34 -8.00 -1.75
N GLU A 32 1.28 -8.44 -2.41
CA GLU A 32 -0.05 -8.43 -1.80
C GLU A 32 -0.73 -9.74 -2.16
N MET A 33 -1.57 -10.23 -1.27
CA MET A 33 -2.39 -11.39 -1.60
C MET A 33 -3.80 -10.91 -1.91
N ALA A 34 -4.47 -11.57 -2.85
CA ALA A 34 -5.85 -11.22 -3.16
C ALA A 34 -6.64 -12.47 -3.50
N LYS A 35 -7.91 -12.29 -3.79
CA LYS A 35 -8.78 -13.39 -4.16
C LYS A 35 -9.51 -13.05 -5.45
N THR A 36 -9.73 -14.06 -6.28
CA THR A 36 -10.58 -13.90 -7.46
C THR A 36 -12.04 -13.82 -7.03
N SER A 37 -12.93 -13.68 -8.01
CA SER A 37 -14.35 -13.55 -7.71
C SER A 37 -14.93 -14.85 -7.11
N SER A 38 -14.30 -15.98 -7.41
CA SER A 38 -14.71 -17.24 -6.81
C SER A 38 -13.88 -17.57 -5.57
N GLY A 39 -13.10 -16.61 -5.10
CA GLY A 39 -12.33 -16.77 -3.87
C GLY A 39 -11.01 -17.51 -4.01
N GLN A 40 -10.52 -17.67 -5.25
CA GLN A 40 -9.20 -18.26 -5.47
C GLN A 40 -8.10 -17.29 -5.05
N ARG A 41 -7.15 -17.76 -4.25
CA ARG A 41 -6.05 -16.91 -3.80
C ARG A 41 -5.03 -16.68 -4.91
N TYR A 42 -4.58 -15.44 -5.05
CA TYR A 42 -3.45 -15.17 -5.93
C TYR A 42 -2.66 -14.00 -5.39
N PHE A 43 -1.56 -13.68 -6.04
CA PHE A 43 -0.61 -12.71 -5.51
C PHE A 43 -0.30 -11.59 -6.48
N LEU A 44 -0.12 -10.40 -5.93
CA LEU A 44 0.26 -9.22 -6.70
C LEU A 44 1.67 -8.81 -6.31
N ASN A 45 2.53 -8.65 -7.30
CA ASN A 45 3.83 -8.06 -7.07
C ASN A 45 3.79 -6.62 -7.56
N HIS A 46 3.65 -5.68 -6.64
CA HIS A 46 3.60 -4.27 -7.00
C HIS A 46 4.98 -3.76 -7.44
N ASN A 47 6.03 -4.51 -7.11
CA ASN A 47 7.38 -4.11 -7.49
C ASN A 47 7.58 -4.17 -9.00
N ASP A 48 7.14 -5.25 -9.63
CA ASP A 48 7.28 -5.32 -11.09
C ASP A 48 5.94 -5.43 -11.80
N GLN A 49 4.86 -5.14 -11.07
CA GLN A 49 3.51 -5.01 -11.64
C GLN A 49 3.03 -6.27 -12.38
N THR A 50 3.13 -7.40 -11.70
CA THR A 50 2.65 -8.68 -12.22
C THR A 50 1.68 -9.35 -11.24
N THR A 51 0.97 -10.38 -11.70
CA THR A 51 0.16 -11.21 -10.81
C THR A 51 0.46 -12.68 -11.08
N THR A 52 0.30 -13.52 -10.07
CA THR A 52 0.67 -14.93 -10.18
C THR A 52 -0.08 -15.77 -9.16
N TRP A 53 -0.30 -17.05 -9.50
CA TRP A 53 -0.89 -18.01 -8.58
C TRP A 53 0.12 -18.45 -7.53
N GLN A 54 1.41 -18.37 -7.86
CA GLN A 54 2.45 -18.94 -7.03
C GLN A 54 2.87 -18.07 -5.85
N ASP A 55 2.78 -18.64 -4.65
CA ASP A 55 3.26 -18.00 -3.44
C ASP A 55 4.74 -17.61 -3.58
N PRO A 56 5.03 -16.30 -3.49
CA PRO A 56 6.40 -15.79 -3.62
C PRO A 56 7.34 -16.39 -2.59
N ARG A 57 6.77 -16.87 -1.49
CA ARG A 57 7.55 -17.59 -0.50
C ARG A 57 7.77 -19.02 -0.98
N GLN A 76 5.51 -13.52 -13.30
CA GLN A 76 6.73 -13.53 -14.10
C GLN A 76 7.94 -13.07 -13.28
N THR A 77 7.77 -12.95 -11.97
CA THR A 77 8.88 -12.70 -11.05
C THR A 77 9.59 -14.00 -10.67
N LEU A 78 10.90 -14.04 -10.90
CA LEU A 78 11.72 -15.16 -10.42
C LEU A 78 12.05 -14.95 -8.94
N MET A 79 11.57 -15.85 -8.09
CA MET A 79 11.76 -15.74 -6.64
C MET A 79 12.49 -16.93 -6.02
N ASN A 80 13.75 -17.17 -6.38
CA ASN A 80 14.42 -18.40 -6.00
C ASN A 80 14.65 -18.33 -4.51
N SER A 81 15.20 -17.18 -4.11
CA SER A 81 15.89 -17.02 -2.86
C SER A 81 15.17 -16.21 -1.78
N ALA A 82 15.66 -16.37 -0.55
CA ALA A 82 15.08 -15.69 0.62
C ALA A 82 15.02 -14.20 0.38
N SER A 83 13.93 -13.58 0.81
CA SER A 83 13.74 -12.15 0.58
C SER A 83 14.02 -11.39 1.87
N GLY A 84 13.97 -10.06 1.81
CA GLY A 84 14.26 -9.24 2.97
C GLY A 84 13.31 -9.54 4.10
N PRO A 85 13.85 -9.88 5.27
CA PRO A 85 13.02 -10.15 6.45
C PRO A 85 12.47 -8.88 7.07
N LEU A 86 11.51 -9.02 7.97
CA LEU A 86 11.08 -7.89 8.77
C LEU A 86 12.21 -7.57 9.74
N PRO A 87 12.23 -6.33 10.25
CA PRO A 87 13.20 -6.03 11.32
C PRO A 87 12.91 -6.88 12.57
N ASP A 88 13.93 -7.11 13.40
CA ASP A 88 13.77 -7.84 14.65
C ASP A 88 12.61 -7.27 15.45
N GLY A 89 11.80 -8.17 15.99
CA GLY A 89 10.71 -7.77 16.86
C GLY A 89 9.42 -7.52 16.10
N TRP A 90 9.43 -7.72 14.78
CA TRP A 90 8.21 -7.50 13.98
C TRP A 90 7.67 -8.79 13.38
N GLU A 91 6.35 -8.84 13.19
CA GLU A 91 5.70 -9.94 12.49
C GLU A 91 4.69 -9.41 11.49
N GLN A 92 4.44 -10.18 10.43
CA GLN A 92 3.37 -9.90 9.49
C GLN A 92 2.16 -10.76 9.80
N ALA A 93 0.97 -10.18 9.70
CA ALA A 93 -0.25 -10.95 9.92
C ALA A 93 -1.31 -10.57 8.90
N MET A 94 -2.42 -11.29 8.94
CA MET A 94 -3.49 -11.07 8.00
C MET A 94 -4.81 -10.99 8.73
N THR A 95 -5.63 -9.98 8.42
CA THR A 95 -6.96 -9.91 9.02
C THR A 95 -7.83 -11.03 8.47
N GLN A 96 -9.00 -11.20 9.06
CA GLN A 96 -10.00 -12.16 8.60
C GLN A 96 -10.40 -11.88 7.16
N ASP A 97 -10.36 -10.61 6.77
CA ASP A 97 -10.73 -10.21 5.41
C ASP A 97 -9.56 -10.29 4.46
N GLY A 98 -8.41 -10.77 4.94
CA GLY A 98 -7.27 -10.99 4.06
C GLY A 98 -6.33 -9.81 3.90
N GLU A 99 -6.51 -8.77 4.71
CA GLU A 99 -5.64 -7.60 4.66
C GLU A 99 -4.37 -7.78 5.48
N VAL A 100 -3.22 -7.54 4.86
CA VAL A 100 -1.95 -7.72 5.55
C VAL A 100 -1.61 -6.52 6.45
N TYR A 101 -1.09 -6.80 7.65
CA TYR A 101 -0.63 -5.72 8.53
C TYR A 101 0.60 -6.16 9.31
N TYR A 102 1.15 -5.25 10.10
CA TYR A 102 2.46 -5.44 10.73
C TYR A 102 2.37 -5.22 12.23
N ILE A 103 2.98 -6.14 12.97
CA ILE A 103 2.97 -6.14 14.42
C ILE A 103 4.37 -5.81 14.91
N ASN A 104 4.49 -4.77 15.73
CA ASN A 104 5.76 -4.39 16.33
C ASN A 104 5.76 -4.75 17.81
N HIS A 105 6.40 -5.85 18.17
CA HIS A 105 6.43 -6.29 19.57
C HIS A 105 7.27 -5.39 20.47
N LYS A 106 8.18 -4.61 19.88
CA LYS A 106 9.04 -3.72 20.67
C LYS A 106 8.24 -2.63 21.37
N ASN A 107 7.27 -2.06 20.66
CA ASN A 107 6.48 -1.01 21.28
C ASN A 107 5.00 -1.36 21.36
N LYS A 108 4.68 -2.63 21.13
CA LYS A 108 3.32 -3.14 21.27
C LYS A 108 2.34 -2.35 20.40
N THR A 109 2.64 -2.26 19.10
CA THR A 109 1.76 -1.56 18.18
C THR A 109 1.51 -2.41 16.94
N THR A 110 0.50 -2.02 16.18
CA THR A 110 0.25 -2.59 14.86
C THR A 110 0.09 -1.47 13.84
N SER A 111 0.35 -1.77 12.57
CA SER A 111 0.35 -0.75 11.54
C SER A 111 0.00 -1.40 10.21
N TRP A 112 -0.66 -0.64 9.33
CA TRP A 112 -0.81 -1.09 7.94
C TRP A 112 0.48 -0.91 7.16
N LEU A 113 1.41 -0.12 7.68
CA LEU A 113 2.65 0.16 6.94
C LEU A 113 3.76 -0.88 7.17
N ASP A 114 4.28 -1.41 6.08
CA ASP A 114 5.46 -2.28 6.07
C ASP A 114 6.70 -1.50 6.49
N PRO A 115 7.38 -1.92 7.56
CA PRO A 115 8.53 -1.14 8.04
C PRO A 115 9.85 -1.44 7.28
N ARG A 116 9.83 -2.39 6.35
CA ARG A 116 11.07 -2.83 5.72
C ARG A 116 11.72 -1.76 4.84
N ASP B 5 -6.22 -20.09 -17.83
CA ASP B 5 -5.91 -20.47 -16.46
C ASP B 5 -4.97 -19.48 -15.79
N ARG B 6 -5.22 -18.18 -16.01
CA ARG B 6 -4.35 -17.14 -15.45
C ARG B 6 -5.08 -16.30 -14.41
N PRO B 7 -4.34 -15.78 -13.40
CA PRO B 7 -4.94 -14.89 -12.42
C PRO B 7 -5.38 -13.59 -13.06
N PRO B 8 -6.23 -12.80 -12.37
CA PRO B 8 -6.60 -11.50 -12.92
C PRO B 8 -5.36 -10.65 -13.22
N PRO B 9 -5.40 -9.87 -14.32
CA PRO B 9 -4.23 -9.06 -14.68
C PRO B 9 -3.95 -7.98 -13.64
N TYR B 10 -2.69 -7.59 -13.53
CA TYR B 10 -2.33 -6.50 -12.64
C TYR B 10 -3.00 -5.21 -13.10
N VAL B 11 -3.56 -4.46 -12.16
CA VAL B 11 -4.14 -3.17 -12.48
C VAL B 11 -3.11 -2.06 -12.28
N ALA B 12 -2.51 -1.63 -13.39
CA ALA B 12 -1.44 -0.63 -13.36
C ALA B 12 -1.97 0.79 -13.17
N PRO B 13 -1.12 1.70 -12.69
CA PRO B 13 -1.48 3.12 -12.70
C PRO B 13 -1.48 3.64 -14.14
N PRO B 14 -1.88 4.90 -14.36
CA PRO B 14 -1.82 5.43 -15.73
C PRO B 14 -0.43 5.30 -16.33
N SER B 15 -0.36 5.00 -17.61
CA SER B 15 0.91 4.82 -18.30
C SER B 15 1.71 6.10 -18.31
N TYR B 16 3.02 6.00 -18.53
CA TYR B 16 3.89 7.17 -18.50
C TYR B 16 3.49 8.23 -19.52
N GLU B 17 2.95 7.80 -20.67
CA GLU B 17 2.56 8.69 -21.76
C GLU B 17 1.67 9.86 -21.30
N GLY B 18 0.96 9.65 -20.19
CA GLY B 18 0.14 10.70 -19.63
C GLY B 18 -1.22 10.82 -20.29
N PRO B 19 -1.88 11.96 -20.12
CA PRO B 19 -1.41 13.06 -19.28
C PRO B 19 -1.62 12.74 -17.81
N HIS B 20 -0.97 13.52 -16.94
CA HIS B 20 -1.01 13.22 -15.52
C HIS B 20 -1.49 14.42 -14.71
N ARG B 21 -2.34 14.16 -13.73
CA ARG B 21 -2.70 15.16 -12.75
C ARG B 21 -1.65 15.13 -11.65
N THR B 22 -0.58 15.90 -11.81
CA THR B 22 0.54 15.84 -10.88
C THR B 22 0.35 16.75 -9.68
N LEU B 23 0.92 16.34 -8.56
CA LEU B 23 0.95 17.17 -7.36
C LEU B 23 2.29 17.91 -7.34
N GLY B 24 2.24 19.24 -7.38
CA GLY B 24 3.44 20.05 -7.38
C GLY B 24 4.31 19.75 -6.18
N VAL B 25 3.67 19.67 -5.02
CA VAL B 25 4.33 19.19 -3.82
C VAL B 25 3.66 17.88 -3.48
N PRO B 26 4.44 16.81 -3.24
CA PRO B 26 3.79 15.54 -2.95
C PRO B 26 3.24 15.49 -1.53
N LEU B 27 2.22 14.68 -1.29
CA LEU B 27 1.84 14.37 0.08
C LEU B 27 3.04 13.69 0.76
N PRO B 28 3.19 13.89 2.09
CA PRO B 28 4.25 13.20 2.82
C PRO B 28 4.10 11.69 2.69
N ALA B 29 5.19 10.95 2.87
CA ALA B 29 5.13 9.50 2.82
C ALA B 29 4.20 8.96 3.88
N GLY B 30 3.44 7.93 3.52
CA GLY B 30 2.56 7.30 4.49
C GLY B 30 1.17 7.90 4.49
N TRP B 31 0.95 8.94 3.68
CA TRP B 31 -0.37 9.57 3.61
C TRP B 31 -1.14 9.16 2.39
N GLU B 32 -2.46 9.19 2.52
CA GLU B 32 -3.35 8.80 1.42
C GLU B 32 -4.52 9.76 1.38
N MET B 33 -5.17 9.86 0.22
CA MET B 33 -6.42 10.60 0.12
C MET B 33 -7.56 9.64 -0.11
N ALA B 34 -8.74 10.00 0.38
CA ALA B 34 -9.93 9.20 0.16
C ALA B 34 -11.12 10.14 0.13
N LYS B 35 -12.31 9.58 -0.10
CA LYS B 35 -13.52 10.39 -0.19
C LYS B 35 -14.60 9.84 0.71
N THR B 36 -15.38 10.72 1.30
CA THR B 36 -16.57 10.32 2.03
C THR B 36 -17.61 9.77 1.06
N SER B 37 -18.68 9.22 1.61
CA SER B 37 -19.76 8.72 0.77
C SER B 37 -20.38 9.84 -0.05
N SER B 38 -20.28 11.08 0.44
CA SER B 38 -20.82 12.23 -0.29
C SER B 38 -19.81 12.79 -1.30
N GLY B 39 -18.61 12.22 -1.32
CA GLY B 39 -17.63 12.64 -2.30
C GLY B 39 -16.66 13.69 -1.81
N GLN B 40 -16.64 13.92 -0.50
CA GLN B 40 -15.71 14.88 0.08
C GLN B 40 -14.34 14.30 0.26
N ARG B 41 -13.33 15.03 -0.20
CA ARG B 41 -11.95 14.60 0.01
C ARG B 41 -11.48 14.71 1.47
N TYR B 42 -10.79 13.68 1.95
CA TYR B 42 -10.10 13.80 3.21
C TYR B 42 -8.79 13.04 3.12
N PHE B 43 -7.99 13.15 4.18
CA PHE B 43 -6.63 12.63 4.19
C PHE B 43 -6.42 11.62 5.30
N LEU B 44 -5.69 10.56 4.98
CA LEU B 44 -5.31 9.56 5.97
C LEU B 44 -3.83 9.62 6.22
N ASN B 45 -3.45 9.69 7.48
CA ASN B 45 -2.04 9.57 7.85
C ASN B 45 -1.79 8.19 8.44
N HIS B 46 -1.22 7.29 7.64
CA HIS B 46 -1.04 5.92 8.12
C HIS B 46 0.08 5.82 9.13
N ASN B 47 0.88 6.89 9.26
CA ASN B 47 1.98 6.88 10.19
C ASN B 47 1.49 6.97 11.62
N ASP B 48 0.53 7.86 11.88
CA ASP B 48 0.01 8.00 13.23
C ASP B 48 -1.44 7.55 13.30
N GLN B 49 -1.97 7.02 12.20
CA GLN B 49 -3.29 6.39 12.19
C GLN B 49 -4.40 7.37 12.55
N THR B 50 -4.42 8.48 11.82
CA THR B 50 -5.45 9.50 11.97
C THR B 50 -6.00 9.88 10.61
N THR B 51 -7.15 10.55 10.61
CA THR B 51 -7.72 11.13 9.42
C THR B 51 -7.98 12.60 9.68
N THR B 52 -8.00 13.40 8.63
CA THR B 52 -8.17 14.83 8.77
C THR B 52 -8.70 15.43 7.48
N TRP B 53 -9.46 16.53 7.59
CA TRP B 53 -9.85 17.29 6.42
C TRP B 53 -8.67 18.08 5.85
N GLN B 54 -7.67 18.31 6.68
CA GLN B 54 -6.62 19.28 6.36
C GLN B 54 -5.50 18.69 5.50
N ASP B 55 -5.29 19.27 4.33
CA ASP B 55 -4.15 18.93 3.47
C ASP B 55 -2.85 19.16 4.25
N PRO B 56 -2.05 18.11 4.46
CA PRO B 56 -0.83 18.25 5.27
C PRO B 56 0.22 19.15 4.64
N ARG B 57 0.11 19.44 3.35
CA ARG B 57 1.11 20.23 2.64
C ARG B 57 1.02 21.73 2.95
N GLY B 84 10.85 13.64 3.09
CA GLY B 84 9.97 14.65 2.54
C GLY B 84 9.89 14.57 1.02
N PRO B 85 10.91 15.09 0.33
CA PRO B 85 10.88 15.12 -1.14
C PRO B 85 11.09 13.74 -1.78
N LEU B 86 10.47 13.55 -2.94
CA LEU B 86 10.71 12.39 -3.78
C LEU B 86 12.15 12.42 -4.29
N PRO B 87 12.69 11.27 -4.72
CA PRO B 87 14.02 11.29 -5.35
C PRO B 87 14.01 12.13 -6.62
N ASP B 88 15.20 12.55 -7.07
CA ASP B 88 15.34 13.31 -8.30
C ASP B 88 14.68 12.62 -9.47
N GLY B 89 13.86 13.35 -10.22
CA GLY B 89 13.26 12.80 -11.42
C GLY B 89 11.89 12.17 -11.22
N TRP B 90 11.41 12.18 -9.97
CA TRP B 90 10.11 11.60 -9.66
C TRP B 90 9.04 12.64 -9.37
N GLU B 91 7.79 12.29 -9.70
CA GLU B 91 6.63 13.11 -9.34
C GLU B 91 5.51 12.26 -8.81
N GLN B 92 4.74 12.81 -7.88
CA GLN B 92 3.53 12.16 -7.41
C GLN B 92 2.36 12.69 -8.21
N ALA B 93 1.43 11.82 -8.55
CA ALA B 93 0.26 12.23 -9.30
C ALA B 93 -0.96 11.55 -8.75
N MET B 94 -2.12 12.00 -9.23
CA MET B 94 -3.39 11.51 -8.75
C MET B 94 -4.23 11.00 -9.91
N THR B 95 -4.85 9.83 -9.74
CA THR B 95 -5.78 9.32 -10.74
C THR B 95 -7.07 10.13 -10.71
N GLN B 96 -7.94 9.89 -11.68
CA GLN B 96 -9.25 10.53 -11.71
C GLN B 96 -10.01 10.26 -10.41
N ASP B 97 -9.76 9.09 -9.83
CA ASP B 97 -10.46 8.67 -8.63
C ASP B 97 -9.74 9.06 -7.33
N GLY B 98 -8.66 9.82 -7.45
CA GLY B 98 -7.96 10.32 -6.28
C GLY B 98 -6.84 9.44 -5.75
N GLU B 99 -6.57 8.33 -6.42
CA GLU B 99 -5.48 7.43 -6.02
C GLU B 99 -4.12 8.02 -6.37
N VAL B 100 -3.19 8.01 -5.42
CA VAL B 100 -1.86 8.53 -5.75
C VAL B 100 -1.01 7.46 -6.43
N TYR B 101 -0.22 7.90 -7.41
CA TYR B 101 0.79 7.05 -8.01
C TYR B 101 2.04 7.89 -8.22
N TYR B 102 3.09 7.26 -8.73
CA TYR B 102 4.39 7.89 -8.82
C TYR B 102 4.94 7.79 -10.22
N ILE B 103 5.51 8.89 -10.70
CA ILE B 103 6.06 8.96 -12.04
C ILE B 103 7.58 9.05 -11.98
N ASN B 104 8.27 8.09 -12.60
CA ASN B 104 9.71 8.15 -12.71
C ASN B 104 10.11 8.61 -14.10
N HIS B 105 10.49 9.88 -14.22
CA HIS B 105 10.87 10.44 -15.52
C HIS B 105 12.24 9.92 -16.00
N LYS B 106 13.05 9.41 -15.08
CA LYS B 106 14.37 8.92 -15.46
C LYS B 106 14.28 7.66 -16.31
N ASN B 107 13.37 6.75 -15.98
CA ASN B 107 13.22 5.55 -16.80
C ASN B 107 11.86 5.47 -17.48
N LYS B 108 11.07 6.55 -17.35
CA LYS B 108 9.78 6.68 -18.04
C LYS B 108 8.81 5.58 -17.63
N THR B 109 8.60 5.45 -16.32
CA THR B 109 7.67 4.47 -15.78
C THR B 109 6.74 5.10 -14.77
N THR B 110 5.67 4.39 -14.44
CA THR B 110 4.80 4.81 -13.35
C THR B 110 4.59 3.62 -12.42
N SER B 111 4.32 3.90 -11.15
CA SER B 111 4.18 2.88 -10.12
C SER B 111 3.22 3.32 -9.04
N TRP B 112 2.58 2.34 -8.40
CA TRP B 112 1.73 2.59 -7.23
C TRP B 112 2.60 2.76 -5.99
N LEU B 113 3.84 2.29 -6.07
CA LEU B 113 4.72 2.31 -4.92
C LEU B 113 5.51 3.61 -4.77
N ASP B 114 5.39 4.21 -3.58
CA ASP B 114 6.18 5.37 -3.16
C ASP B 114 7.68 5.02 -3.13
N PRO B 115 8.50 5.74 -3.91
CA PRO B 115 9.93 5.40 -3.91
C PRO B 115 10.69 5.95 -2.71
N ARG B 116 10.02 6.72 -1.85
CA ARG B 116 10.70 7.26 -0.68
C ARG B 116 10.88 6.16 0.37
#